data_4LKT
#
_entry.id   4LKT
#
_cell.length_a   145.282
_cell.length_b   145.282
_cell.length_c   81.763
_cell.angle_alpha   90.000
_cell.angle_beta   90.000
_cell.angle_gamma   120.000
#
_symmetry.space_group_name_H-M   'P 32 2 1'
#
loop_
_entity.id
_entity.type
_entity.pdbx_description
1 polymer 'Fatty acid-binding protein, epidermal'
2 non-polymer 'LINOLEIC ACID'
3 non-polymer GLYCEROL
4 non-polymer 'SULFATE ION'
5 non-polymer 'CHLORIDE ION'
6 non-polymer 'D(-)-TARTARIC ACID'
7 non-polymer 'CITRIC ACID'
8 non-polymer 'AMMONIUM ION'
9 water water
#
_entity_poly.entity_id   1
_entity_poly.type   'polypeptide(L)'
_entity_poly.pdbx_seq_one_letter_code
;SNAMATVQQLEGRWRLVDSKGFDEYMKELGVGIALRKMGAMAKPDCIITCDGKNLTIKTESTLKTTQFSCTLGEKFEETT
ADGRKTQTVCNFTDGALVQHQEWDGKESTITRKLKDGKLVVECVMNNVTCTRIYEKVE
;
_entity_poly.pdbx_strand_id   A,B,C,D
#
# COMPACT_ATOMS: atom_id res chain seq x y z
N ASN A 2 -32.23 1.13 -23.05
CA ASN A 2 -31.76 2.09 -22.05
C ASN A 2 -31.74 3.52 -22.60
N ALA A 3 -32.79 3.87 -23.34
CA ALA A 3 -33.00 5.22 -23.84
C ALA A 3 -31.89 5.75 -24.76
N MET A 4 -31.75 7.07 -24.77
CA MET A 4 -30.86 7.75 -25.72
C MET A 4 -29.85 8.64 -25.00
N ALA A 5 -29.12 8.03 -24.07
CA ALA A 5 -28.12 8.76 -23.29
C ALA A 5 -26.86 9.01 -24.10
N THR A 6 -26.10 10.04 -23.70
CA THR A 6 -24.81 10.33 -24.31
C THR A 6 -23.70 9.66 -23.50
N VAL A 7 -22.62 9.30 -24.17
CA VAL A 7 -21.46 8.71 -23.49
C VAL A 7 -20.78 9.77 -22.63
N GLN A 8 -21.05 11.04 -22.92
CA GLN A 8 -20.50 12.15 -22.16
C GLN A 8 -21.03 12.18 -20.73
N GLN A 9 -22.23 11.62 -20.54
CA GLN A 9 -22.84 11.56 -19.22
C GLN A 9 -22.07 10.61 -18.29
N LEU A 10 -21.26 9.74 -18.90
CA LEU A 10 -20.46 8.78 -18.14
C LEU A 10 -19.08 9.31 -17.84
N GLU A 11 -18.66 10.34 -18.58
CA GLU A 11 -17.31 10.88 -18.45
C GLU A 11 -17.05 11.46 -17.07
N GLY A 12 -15.79 11.41 -16.64
CA GLY A 12 -15.39 12.01 -15.39
C GLY A 12 -14.83 11.06 -14.37
N ARG A 13 -14.80 11.51 -13.13
CA ARG A 13 -14.17 10.78 -12.04
C ARG A 13 -15.24 10.23 -11.10
N TRP A 14 -15.23 8.91 -10.89
CA TRP A 14 -16.23 8.26 -10.05
C TRP A 14 -15.57 7.55 -8.88
N ARG A 15 -16.35 7.31 -7.83
CA ARG A 15 -15.83 6.66 -6.63
C ARG A 15 -16.78 5.59 -6.13
N LEU A 16 -16.24 4.39 -5.87
CA LEU A 16 -17.04 3.26 -5.43
C LEU A 16 -17.74 3.55 -4.10
N VAL A 17 -19.03 3.25 -4.04
CA VAL A 17 -19.81 3.46 -2.83
C VAL A 17 -20.62 2.22 -2.46
N ASP A 18 -20.68 1.26 -3.38
CA ASP A 18 -21.42 0.01 -3.13
C ASP A 18 -20.97 -1.11 -4.05
N SER A 19 -20.88 -2.32 -3.49
CA SER A 19 -20.49 -3.50 -4.26
C SER A 19 -21.19 -4.74 -3.74
N LYS A 20 -21.72 -5.54 -4.65
CA LYS A 20 -22.39 -6.78 -4.29
C LYS A 20 -22.10 -7.88 -5.31
N GLY A 21 -21.47 -8.96 -4.84
CA GLY A 21 -21.19 -10.10 -5.69
C GLY A 21 -19.86 -10.01 -6.41
N PHE A 22 -19.00 -9.10 -5.97
CA PHE A 22 -17.71 -8.89 -6.63
C PHE A 22 -16.76 -10.04 -6.39
N ASP A 23 -16.78 -10.60 -5.18
CA ASP A 23 -15.93 -11.74 -4.85
C ASP A 23 -16.31 -12.97 -5.66
N GLU A 24 -17.62 -13.17 -5.84
CA GLU A 24 -18.12 -14.29 -6.62
C GLU A 24 -17.73 -14.14 -8.09
N TYR A 25 -17.75 -12.90 -8.58
CA TYR A 25 -17.38 -12.62 -9.96
C TYR A 25 -15.89 -12.86 -10.19
N MET A 26 -15.06 -12.40 -9.25
CA MET A 26 -13.61 -12.59 -9.34
C MET A 26 -13.25 -14.08 -9.33
N LYS A 27 -13.98 -14.85 -8.54
CA LYS A 27 -13.81 -16.30 -8.49
C LYS A 27 -14.00 -16.91 -9.88
N GLU A 28 -15.06 -16.49 -10.55
CA GLU A 28 -15.40 -17.02 -11.86
C GLU A 28 -14.33 -16.67 -12.89
N LEU A 29 -13.68 -15.52 -12.71
CA LEU A 29 -12.58 -15.11 -13.57
C LEU A 29 -11.38 -16.02 -13.34
N GLY A 30 -11.28 -16.58 -12.14
CA GLY A 30 -10.18 -17.44 -11.78
C GLY A 30 -9.14 -16.72 -10.94
N VAL A 31 -9.58 -15.70 -10.22
CA VAL A 31 -8.67 -14.92 -9.38
C VAL A 31 -8.39 -15.60 -8.04
N GLY A 32 -7.13 -15.63 -7.64
CA GLY A 32 -6.74 -16.21 -6.36
C GLY A 32 -7.23 -15.45 -5.14
N ILE A 33 -7.49 -16.19 -4.07
CA ILE A 33 -7.96 -15.60 -2.82
C ILE A 33 -7.12 -14.39 -2.36
N ALA A 34 -5.80 -14.57 -2.37
CA ALA A 34 -4.84 -13.57 -1.93
C ALA A 34 -5.08 -12.31 -2.74
N LEU A 35 -5.40 -12.49 -4.01
CA LEU A 35 -5.68 -11.38 -4.89
C LEU A 35 -7.12 -10.86 -4.73
N ARG A 36 -8.07 -11.77 -4.57
CA ARG A 36 -9.47 -11.38 -4.37
C ARG A 36 -9.63 -10.54 -3.10
N LYS A 37 -8.87 -10.88 -2.07
CA LYS A 37 -8.91 -10.15 -0.81
C LYS A 37 -8.51 -8.70 -1.02
N MET A 38 -7.44 -8.48 -1.78
CA MET A 38 -6.97 -7.13 -2.08
C MET A 38 -7.94 -6.40 -3.00
N GLY A 39 -8.50 -7.15 -3.96
CA GLY A 39 -9.44 -6.58 -4.91
C GLY A 39 -10.72 -6.06 -4.25
N ALA A 40 -11.34 -6.91 -3.44
CA ALA A 40 -12.59 -6.56 -2.78
C ALA A 40 -12.39 -5.54 -1.65
N MET A 41 -11.18 -5.49 -1.11
CA MET A 41 -10.87 -4.58 0.00
C MET A 41 -10.73 -3.14 -0.49
N ALA A 42 -10.34 -2.98 -1.74
CA ALA A 42 -10.04 -1.66 -2.30
C ALA A 42 -11.29 -0.82 -2.54
N LYS A 43 -11.16 0.49 -2.34
CA LYS A 43 -12.19 1.44 -2.73
C LYS A 43 -11.67 2.26 -3.90
N PRO A 44 -11.77 1.72 -5.12
CA PRO A 44 -11.12 2.33 -6.27
C PRO A 44 -11.91 3.50 -6.86
N ASP A 45 -11.20 4.37 -7.57
CA ASP A 45 -11.84 5.39 -8.38
C ASP A 45 -11.91 4.89 -9.82
N CYS A 46 -12.83 5.46 -10.58
CA CYS A 46 -12.94 5.15 -11.99
C CYS A 46 -12.99 6.44 -12.80
N ILE A 47 -12.01 6.63 -13.66
CA ILE A 47 -11.98 7.81 -14.53
C ILE A 47 -12.28 7.43 -15.97
N ILE A 48 -13.43 7.87 -16.46
CA ILE A 48 -13.86 7.58 -17.81
C ILE A 48 -13.74 8.80 -18.70
N THR A 49 -13.03 8.67 -19.80
CA THR A 49 -12.95 9.73 -20.79
C THR A 49 -13.24 9.17 -22.17
N CYS A 50 -14.17 9.79 -22.88
CA CYS A 50 -14.50 9.35 -24.22
C CYS A 50 -14.56 10.52 -25.20
N ASP A 51 -13.55 10.63 -26.06
CA ASP A 51 -13.49 11.66 -27.08
C ASP A 51 -14.01 11.09 -28.40
N GLY A 52 -15.26 11.37 -28.72
CA GLY A 52 -15.91 10.79 -29.87
C GLY A 52 -16.05 9.29 -29.70
N LYS A 53 -15.13 8.55 -30.31
CA LYS A 53 -15.12 7.09 -30.18
C LYS A 53 -13.88 6.58 -29.47
N ASN A 54 -12.96 7.48 -29.14
CA ASN A 54 -11.77 7.11 -28.37
C ASN A 54 -12.10 7.00 -26.88
N LEU A 55 -12.11 5.77 -26.37
CA LEU A 55 -12.48 5.53 -24.98
C LEU A 55 -11.25 5.21 -24.12
N THR A 56 -11.19 5.83 -22.95
CA THR A 56 -10.18 5.48 -21.96
C THR A 56 -10.83 5.30 -20.59
N ILE A 57 -10.52 4.19 -19.93
CA ILE A 57 -11.02 3.97 -18.58
C ILE A 57 -9.86 3.67 -17.64
N LYS A 58 -9.73 4.50 -16.60
CA LYS A 58 -8.70 4.31 -15.59
C LYS A 58 -9.33 3.71 -14.34
N THR A 59 -8.75 2.63 -13.85
CA THR A 59 -9.21 2.02 -12.60
C THR A 59 -8.14 2.20 -11.54
N GLU A 60 -8.42 3.08 -10.57
CA GLU A 60 -7.38 3.58 -9.68
C GLU A 60 -7.63 3.33 -8.20
N SER A 61 -6.67 2.71 -7.54
CA SER A 61 -6.65 2.61 -6.09
C SER A 61 -5.29 3.12 -5.61
N THR A 62 -5.15 3.32 -4.31
CA THR A 62 -3.92 3.86 -3.75
C THR A 62 -2.74 2.91 -3.91
N LEU A 63 -3.04 1.62 -4.09
CA LEU A 63 -2.00 0.60 -4.20
C LEU A 63 -1.72 0.21 -5.65
N LYS A 64 -2.79 0.08 -6.44
CA LYS A 64 -2.65 -0.36 -7.82
C LYS A 64 -3.54 0.43 -8.78
N THR A 65 -3.01 0.73 -9.97
CA THR A 65 -3.75 1.46 -10.98
C THR A 65 -3.57 0.80 -12.35
N THR A 66 -4.68 0.50 -13.01
CA THR A 66 -4.63 0.01 -14.38
C THR A 66 -5.53 0.87 -15.27
N GLN A 67 -5.29 0.81 -16.58
CA GLN A 67 -6.11 1.53 -17.55
C GLN A 67 -6.07 0.86 -18.90
N PHE A 68 -7.10 1.09 -19.70
CA PHE A 68 -7.07 0.70 -21.09
C PHE A 68 -7.60 1.82 -21.97
N SER A 69 -7.07 1.91 -23.19
CA SER A 69 -7.56 2.88 -24.16
C SER A 69 -7.88 2.15 -25.46
N CYS A 70 -8.93 2.59 -26.14
CA CYS A 70 -9.37 1.91 -27.35
C CYS A 70 -10.28 2.77 -28.20
N THR A 71 -10.59 2.28 -29.40
CA THR A 71 -11.58 2.89 -30.26
C THR A 71 -12.84 2.04 -30.19
N LEU A 72 -13.97 2.70 -29.96
CA LEU A 72 -15.26 1.99 -29.89
C LEU A 72 -15.52 1.23 -31.18
N GLY A 73 -15.71 -0.08 -31.07
CA GLY A 73 -16.03 -0.91 -32.22
C GLY A 73 -14.85 -1.70 -32.75
N GLU A 74 -13.65 -1.40 -32.25
CA GLU A 74 -12.44 -2.06 -32.73
C GLU A 74 -11.79 -2.92 -31.65
N LYS A 75 -11.59 -4.20 -31.95
CA LYS A 75 -10.97 -5.12 -31.01
C LYS A 75 -9.52 -4.75 -30.71
N PHE A 76 -9.10 -5.01 -29.48
CA PHE A 76 -7.76 -4.72 -29.03
C PHE A 76 -7.37 -5.69 -27.93
N GLU A 77 -6.06 -5.83 -27.70
CA GLU A 77 -5.60 -6.71 -26.63
C GLU A 77 -5.52 -5.95 -25.31
N GLU A 78 -6.36 -6.33 -24.36
CA GLU A 78 -6.41 -5.66 -23.06
C GLU A 78 -5.68 -6.45 -21.99
N THR A 79 -4.89 -5.75 -21.17
CA THR A 79 -4.29 -6.35 -20.00
C THR A 79 -5.10 -5.96 -18.76
N THR A 80 -5.90 -6.89 -18.26
CA THR A 80 -6.76 -6.61 -17.12
C THR A 80 -5.97 -6.46 -15.84
N ALA A 81 -6.63 -6.04 -14.77
CA ALA A 81 -5.98 -5.83 -13.49
C ALA A 81 -5.49 -7.14 -12.88
N ASP A 82 -6.23 -8.22 -13.12
CA ASP A 82 -5.90 -9.52 -12.55
C ASP A 82 -4.85 -10.28 -13.37
N GLY A 83 -4.42 -9.68 -14.48
CA GLY A 83 -3.33 -10.25 -15.26
C GLY A 83 -3.75 -11.00 -16.51
N ARG A 84 -5.04 -10.97 -16.82
CA ARG A 84 -5.53 -11.61 -18.03
C ARG A 84 -5.16 -10.82 -19.28
N LYS A 85 -4.83 -11.55 -20.35
CA LYS A 85 -4.67 -10.95 -21.67
C LYS A 85 -5.88 -11.34 -22.48
N THR A 86 -6.75 -10.36 -22.76
CA THR A 86 -8.02 -10.65 -23.43
C THR A 86 -8.16 -9.91 -24.74
N GLN A 87 -9.00 -10.43 -25.62
CA GLN A 87 -9.41 -9.69 -26.81
C GLN A 87 -10.69 -8.97 -26.47
N THR A 88 -10.63 -7.64 -26.40
CA THR A 88 -11.73 -6.84 -25.91
C THR A 88 -12.26 -5.89 -26.98
N VAL A 89 -13.57 -5.73 -27.04
CA VAL A 89 -14.17 -4.68 -27.84
C VAL A 89 -15.14 -3.88 -26.96
N CYS A 90 -15.08 -2.56 -27.09
CA CYS A 90 -15.98 -1.70 -26.35
C CYS A 90 -16.94 -1.00 -27.30
N ASN A 91 -18.22 -1.00 -26.94
CA ASN A 91 -19.23 -0.32 -27.73
C ASN A 91 -20.17 0.47 -26.84
N PHE A 92 -20.61 1.62 -27.31
CA PHE A 92 -21.67 2.35 -26.63
C PHE A 92 -22.99 2.02 -27.32
N THR A 93 -23.68 1.00 -26.79
CA THR A 93 -24.88 0.48 -27.42
C THR A 93 -26.12 0.71 -26.57
N ASP A 94 -27.13 1.33 -27.19
CA ASP A 94 -28.42 1.56 -26.55
C ASP A 94 -28.31 2.32 -25.23
N GLY A 95 -27.40 3.30 -25.19
CA GLY A 95 -27.25 4.15 -24.02
C GLY A 95 -26.45 3.53 -22.90
N ALA A 96 -25.67 2.50 -23.21
CA ALA A 96 -24.83 1.85 -22.22
C ALA A 96 -23.46 1.49 -22.79
N LEU A 97 -22.42 1.66 -21.97
CA LEU A 97 -21.07 1.30 -22.37
C LEU A 97 -20.84 -0.18 -22.13
N VAL A 98 -20.64 -0.93 -23.21
CA VAL A 98 -20.50 -2.39 -23.11
C VAL A 98 -19.08 -2.85 -23.42
N GLN A 99 -18.44 -3.44 -22.42
CA GLN A 99 -17.08 -3.95 -22.57
C GLN A 99 -17.08 -5.47 -22.60
N HIS A 100 -16.88 -6.03 -23.79
CA HIS A 100 -16.90 -7.48 -23.96
C HIS A 100 -15.49 -8.05 -24.01
N GLN A 101 -15.22 -9.04 -23.17
CA GLN A 101 -13.90 -9.66 -23.11
C GLN A 101 -13.94 -11.13 -23.52
N GLU A 102 -12.92 -11.55 -24.25
CA GLU A 102 -12.77 -12.96 -24.62
C GLU A 102 -11.32 -13.39 -24.47
N TRP A 103 -11.13 -14.57 -23.87
CA TRP A 103 -9.79 -15.10 -23.64
C TRP A 103 -9.86 -16.59 -23.31
N ASP A 104 -8.99 -17.38 -23.94
CA ASP A 104 -8.88 -18.81 -23.66
C ASP A 104 -10.22 -19.54 -23.74
N GLY A 105 -11.05 -19.13 -24.69
CA GLY A 105 -12.36 -19.73 -24.87
C GLY A 105 -13.40 -19.25 -23.88
N LYS A 106 -13.00 -18.32 -23.01
CA LYS A 106 -13.89 -17.80 -21.98
C LYS A 106 -14.48 -16.44 -22.38
N GLU A 107 -15.44 -15.97 -21.60
CA GLU A 107 -16.20 -14.78 -21.94
C GLU A 107 -16.62 -13.99 -20.71
N SER A 108 -16.62 -12.67 -20.84
CA SER A 108 -17.12 -11.80 -19.76
C SER A 108 -17.55 -10.44 -20.32
N THR A 109 -18.62 -9.91 -19.76
CA THR A 109 -19.12 -8.61 -20.21
C THR A 109 -19.33 -7.65 -19.03
N ILE A 110 -18.73 -6.47 -19.14
CA ILE A 110 -18.93 -5.42 -18.16
C ILE A 110 -19.75 -4.30 -18.78
N THR A 111 -20.91 -4.01 -18.19
CA THR A 111 -21.80 -2.98 -18.70
C THR A 111 -21.89 -1.79 -17.74
N ARG A 112 -21.56 -0.61 -18.26
CA ARG A 112 -21.60 0.61 -17.46
C ARG A 112 -22.70 1.54 -17.96
N LYS A 113 -23.60 1.92 -17.07
CA LYS A 113 -24.70 2.83 -17.43
C LYS A 113 -24.91 3.89 -16.36
N LEU A 114 -25.54 4.98 -16.76
CA LEU A 114 -25.92 6.04 -15.82
C LEU A 114 -27.34 5.76 -15.34
N LYS A 115 -27.54 5.83 -14.03
CA LYS A 115 -28.86 5.61 -13.44
C LYS A 115 -29.00 6.35 -12.13
N ASP A 116 -29.95 7.28 -12.10
CA ASP A 116 -30.20 8.13 -10.93
C ASP A 116 -28.95 8.93 -10.53
N GLY A 117 -28.19 9.34 -11.53
CA GLY A 117 -27.01 10.15 -11.31
C GLY A 117 -25.77 9.35 -10.93
N LYS A 118 -25.94 8.05 -10.71
CA LYS A 118 -24.83 7.21 -10.28
C LYS A 118 -24.36 6.26 -11.38
N LEU A 119 -23.06 5.98 -11.39
CA LEU A 119 -22.48 5.04 -12.32
C LEU A 119 -22.75 3.61 -11.87
N VAL A 120 -23.55 2.88 -12.64
CA VAL A 120 -23.87 1.51 -12.31
C VAL A 120 -23.04 0.54 -13.15
N VAL A 121 -22.12 -0.16 -12.49
CA VAL A 121 -21.25 -1.11 -13.18
C VAL A 121 -21.71 -2.55 -12.93
N GLU A 122 -21.89 -3.29 -14.02
CA GLU A 122 -22.46 -4.64 -13.95
C GLU A 122 -21.58 -5.65 -14.67
N CYS A 123 -20.91 -6.51 -13.90
CA CYS A 123 -19.99 -7.49 -14.45
C CYS A 123 -20.64 -8.87 -14.51
N VAL A 124 -20.53 -9.53 -15.66
CA VAL A 124 -21.17 -10.82 -15.86
C VAL A 124 -20.24 -11.86 -16.47
N MET A 125 -20.10 -12.99 -15.79
CA MET A 125 -19.43 -14.16 -16.37
C MET A 125 -20.22 -15.41 -16.05
N ASN A 126 -20.68 -16.10 -17.09
CA ASN A 126 -21.53 -17.28 -16.95
C ASN A 126 -22.79 -16.98 -16.16
N ASN A 127 -22.96 -17.66 -15.02
CA ASN A 127 -24.14 -17.46 -14.18
C ASN A 127 -23.93 -16.39 -13.12
N VAL A 128 -22.72 -15.88 -13.02
CA VAL A 128 -22.38 -14.91 -11.97
C VAL A 128 -22.58 -13.46 -12.42
N THR A 129 -23.27 -12.69 -11.60
CA THR A 129 -23.48 -11.27 -11.86
C THR A 129 -22.99 -10.43 -10.68
N CYS A 130 -22.20 -9.40 -11.00
CA CYS A 130 -21.71 -8.48 -9.98
C CYS A 130 -22.23 -7.07 -10.29
N THR A 131 -22.67 -6.37 -9.25
CA THR A 131 -23.15 -5.00 -9.41
C THR A 131 -22.42 -4.04 -8.50
N ARG A 132 -21.71 -3.09 -9.09
CA ARG A 132 -20.96 -2.10 -8.33
C ARG A 132 -21.43 -0.69 -8.67
N ILE A 133 -21.65 0.12 -7.63
CA ILE A 133 -22.16 1.47 -7.82
C ILE A 133 -21.10 2.51 -7.51
N TYR A 134 -20.90 3.44 -8.45
CA TYR A 134 -20.00 4.55 -8.26
C TYR A 134 -20.82 5.84 -8.24
N GLU A 135 -20.30 6.86 -7.55
CA GLU A 135 -20.94 8.18 -7.60
C GLU A 135 -19.92 9.24 -7.98
N LYS A 136 -20.40 10.34 -8.55
CA LYS A 136 -19.53 11.36 -9.09
C LYS A 136 -18.71 12.07 -8.03
N VAL A 137 -17.41 12.18 -8.28
CA VAL A 137 -16.52 12.95 -7.42
C VAL A 137 -16.50 14.39 -7.88
N GLU A 138 -17.34 15.22 -7.28
CA GLU A 138 -17.44 16.63 -7.68
C GLU A 138 -16.61 17.52 -6.77
N ALA B 3 27.25 -28.82 9.06
CA ALA B 3 28.07 -27.61 9.03
C ALA B 3 29.04 -27.43 10.22
N MET B 4 28.58 -27.47 11.48
CA MET B 4 27.19 -27.71 11.89
C MET B 4 26.80 -26.75 13.01
N ALA B 5 25.95 -25.79 12.69
CA ALA B 5 25.64 -24.68 13.59
C ALA B 5 24.41 -24.91 14.47
N THR B 6 24.04 -23.90 15.24
CA THR B 6 22.87 -23.97 16.11
C THR B 6 21.74 -23.08 15.57
N VAL B 7 20.50 -23.42 15.92
CA VAL B 7 19.33 -22.71 15.43
C VAL B 7 19.24 -21.30 16.00
N GLN B 8 19.93 -21.06 17.11
CA GLN B 8 19.91 -19.77 17.79
C GLN B 8 20.51 -18.66 16.93
N GLN B 9 21.35 -19.05 15.97
CA GLN B 9 22.03 -18.10 15.10
C GLN B 9 21.10 -17.55 14.03
N LEU B 10 20.01 -18.28 13.77
CA LEU B 10 19.03 -17.88 12.77
C LEU B 10 17.98 -16.96 13.38
N GLU B 11 17.92 -16.95 14.71
CA GLU B 11 16.97 -16.13 15.43
C GLU B 11 17.23 -14.64 15.24
N GLY B 12 16.17 -13.85 15.27
CA GLY B 12 16.30 -12.42 15.16
C GLY B 12 15.52 -11.83 14.00
N ARG B 13 15.91 -10.62 13.60
CA ARG B 13 15.19 -9.87 12.58
C ARG B 13 16.07 -9.65 11.36
N TRP B 14 15.57 -10.05 10.20
CA TRP B 14 16.36 -10.01 8.98
C TRP B 14 15.71 -9.14 7.91
N ARG B 15 16.55 -8.55 7.05
CA ARG B 15 16.07 -7.65 6.01
C ARG B 15 16.65 -8.04 4.66
N LEU B 16 15.79 -8.19 3.66
CA LEU B 16 16.21 -8.62 2.33
C LEU B 16 17.20 -7.64 1.69
N VAL B 17 18.26 -8.18 1.11
CA VAL B 17 19.27 -7.36 0.47
C VAL B 17 19.63 -7.88 -0.92
N ASP B 18 19.23 -9.11 -1.21
CA ASP B 18 19.50 -9.69 -2.53
C ASP B 18 18.55 -10.85 -2.85
N SER B 19 18.22 -10.99 -4.13
CA SER B 19 17.31 -12.03 -4.58
C SER B 19 17.62 -12.46 -6.01
N LYS B 20 17.38 -13.72 -6.31
CA LYS B 20 17.65 -14.27 -7.64
C LYS B 20 16.83 -15.52 -7.92
N GLY B 21 16.01 -15.46 -8.96
CA GLY B 21 15.18 -16.58 -9.35
C GLY B 21 13.86 -16.64 -8.62
N PHE B 22 13.54 -15.57 -7.91
CA PHE B 22 12.31 -15.52 -7.11
C PHE B 22 11.06 -15.55 -7.98
N ASP B 23 11.02 -14.69 -8.99
CA ASP B 23 9.90 -14.65 -9.93
C ASP B 23 9.71 -16.00 -10.59
N GLU B 24 10.83 -16.68 -10.88
CA GLU B 24 10.80 -17.98 -11.51
C GLU B 24 10.28 -19.05 -10.55
N TYR B 25 10.60 -18.90 -9.27
CA TYR B 25 10.13 -19.83 -8.25
C TYR B 25 8.64 -19.66 -7.98
N MET B 26 8.18 -18.41 -8.01
CA MET B 26 6.78 -18.10 -7.77
C MET B 26 5.91 -18.60 -8.91
N LYS B 27 6.45 -18.54 -10.13
CA LYS B 27 5.77 -19.09 -11.29
C LYS B 27 5.48 -20.57 -11.08
N GLU B 28 6.48 -21.30 -10.60
CA GLU B 28 6.38 -22.73 -10.37
C GLU B 28 5.30 -23.04 -9.32
N LEU B 29 5.21 -22.18 -8.32
CA LEU B 29 4.20 -22.33 -7.28
C LEU B 29 2.79 -22.24 -7.87
N GLY B 30 2.64 -21.37 -8.86
CA GLY B 30 1.36 -21.16 -9.52
C GLY B 30 0.84 -19.77 -9.26
N VAL B 31 1.72 -18.89 -8.78
CA VAL B 31 1.33 -17.53 -8.44
C VAL B 31 1.08 -16.71 -9.70
N GLY B 32 -0.08 -16.06 -9.76
CA GLY B 32 -0.46 -15.25 -10.90
C GLY B 32 0.49 -14.09 -11.12
N ILE B 33 0.59 -13.64 -12.37
CA ILE B 33 1.52 -12.58 -12.75
C ILE B 33 1.26 -11.28 -11.98
N ALA B 34 0.00 -11.05 -11.62
CA ALA B 34 -0.37 -9.87 -10.85
C ALA B 34 0.26 -9.92 -9.45
N LEU B 35 0.16 -11.08 -8.82
CA LEU B 35 0.72 -11.27 -7.47
C LEU B 35 2.25 -11.35 -7.49
N ARG B 36 2.79 -11.83 -8.60
CA ARG B 36 4.24 -11.95 -8.74
C ARG B 36 4.93 -10.59 -8.71
N LYS B 37 4.32 -9.60 -9.35
CA LYS B 37 4.89 -8.27 -9.40
C LYS B 37 4.87 -7.59 -8.04
N MET B 38 3.94 -8.00 -7.22
CA MET B 38 3.90 -7.49 -5.89
C MET B 38 4.97 -8.15 -5.07
N GLY B 39 5.00 -9.46 -5.11
CA GLY B 39 5.95 -10.24 -4.36
C GLY B 39 7.38 -9.87 -4.69
N ALA B 40 7.65 -9.61 -5.96
CA ALA B 40 9.01 -9.28 -6.42
C ALA B 40 9.41 -7.86 -5.98
N MET B 41 8.45 -6.95 -5.94
CA MET B 41 8.73 -5.56 -5.59
C MET B 41 8.96 -5.36 -4.09
N ALA B 42 8.29 -6.17 -3.28
CA ALA B 42 8.37 -6.04 -1.83
C ALA B 42 9.79 -6.24 -1.31
N LYS B 43 10.19 -5.41 -0.34
CA LYS B 43 11.44 -5.60 0.37
C LYS B 43 11.09 -6.04 1.79
N PRO B 44 10.83 -7.34 1.97
CA PRO B 44 10.26 -7.83 3.22
C PRO B 44 11.28 -8.00 4.33
N ASP B 45 10.79 -8.06 5.57
CA ASP B 45 11.60 -8.44 6.71
C ASP B 45 11.29 -9.89 7.05
N CYS B 46 12.22 -10.55 7.73
CA CYS B 46 12.00 -11.91 8.19
C CYS B 46 12.34 -12.03 9.67
N ILE B 47 11.33 -12.33 10.48
CA ILE B 47 11.53 -12.47 11.92
C ILE B 47 11.47 -13.94 12.32
N ILE B 48 12.61 -14.47 12.75
CA ILE B 48 12.72 -15.87 13.15
C ILE B 48 12.90 -15.99 14.66
N THR B 49 12.04 -16.79 15.29
CA THR B 49 12.18 -17.11 16.71
C THR B 49 12.02 -18.61 16.90
N CYS B 50 12.92 -19.21 17.68
CA CYS B 50 12.84 -20.63 17.95
C CYS B 50 13.21 -20.94 19.40
N ASP B 51 12.22 -21.22 20.24
CA ASP B 51 12.54 -21.72 21.58
C ASP B 51 12.49 -23.24 21.64
N GLY B 52 13.63 -23.85 21.95
CA GLY B 52 13.77 -25.29 21.88
C GLY B 52 13.37 -25.82 20.52
N LYS B 53 12.10 -26.21 20.40
CA LYS B 53 11.59 -26.77 19.15
C LYS B 53 10.32 -26.06 18.66
N ASN B 54 9.91 -25.00 19.35
CA ASN B 54 8.80 -24.18 18.87
C ASN B 54 9.33 -23.11 17.92
N LEU B 55 8.96 -23.22 16.65
CA LEU B 55 9.47 -22.33 15.62
C LEU B 55 8.38 -21.39 15.12
N THR B 56 8.70 -20.10 15.05
CA THR B 56 7.83 -19.13 14.41
C THR B 56 8.61 -18.30 13.40
N ILE B 57 8.08 -18.19 12.19
CA ILE B 57 8.68 -17.35 11.17
C ILE B 57 7.67 -16.32 10.69
N LYS B 58 8.08 -15.05 10.67
CA LYS B 58 7.22 -13.97 10.23
C LYS B 58 7.78 -13.35 8.97
N THR B 59 6.96 -13.32 7.92
CA THR B 59 7.36 -12.66 6.68
C THR B 59 6.57 -11.36 6.54
N GLU B 60 7.28 -10.24 6.71
CA GLU B 60 6.61 -8.95 6.87
C GLU B 60 7.03 -7.93 5.82
N SER B 61 6.04 -7.29 5.20
CA SER B 61 6.27 -6.15 4.33
C SER B 61 5.25 -5.08 4.69
N THR B 62 5.45 -3.86 4.22
CA THR B 62 4.56 -2.75 4.55
C THR B 62 3.12 -3.00 4.10
N LEU B 63 2.96 -3.80 3.05
CA LEU B 63 1.64 -4.05 2.48
C LEU B 63 1.01 -5.37 2.91
N LYS B 64 1.85 -6.41 3.01
CA LYS B 64 1.36 -7.74 3.35
C LYS B 64 2.26 -8.42 4.38
N THR B 65 1.65 -9.14 5.32
CA THR B 65 2.40 -9.86 6.34
C THR B 65 1.73 -11.19 6.68
N THR B 66 2.51 -12.27 6.62
CA THR B 66 2.03 -13.58 7.04
C THR B 66 3.00 -14.22 8.02
N GLN B 67 2.53 -15.23 8.74
CA GLN B 67 3.37 -15.92 9.71
C GLN B 67 2.88 -17.33 9.98
N PHE B 68 3.77 -18.18 10.47
CA PHE B 68 3.39 -19.50 10.95
C PHE B 68 4.16 -19.85 12.21
N SER B 69 3.49 -20.53 13.13
CA SER B 69 4.13 -21.04 14.33
C SER B 69 3.99 -22.57 14.30
N CYS B 70 5.05 -23.27 14.67
CA CYS B 70 5.02 -24.73 14.62
C CYS B 70 6.01 -25.36 15.59
N THR B 71 5.85 -26.67 15.77
CA THR B 71 6.80 -27.45 16.54
C THR B 71 7.63 -28.28 15.57
N LEU B 72 8.95 -28.19 15.68
CA LEU B 72 9.85 -28.90 14.80
C LEU B 72 9.59 -30.40 14.79
N GLY B 73 9.42 -30.96 13.60
CA GLY B 73 9.18 -32.38 13.44
C GLY B 73 7.70 -32.72 13.22
N GLU B 74 6.83 -31.79 13.57
CA GLU B 74 5.39 -32.04 13.53
C GLU B 74 4.69 -31.28 12.40
N LYS B 75 3.96 -32.01 11.57
CA LYS B 75 3.27 -31.43 10.42
C LYS B 75 2.13 -30.52 10.87
N PHE B 76 1.88 -29.48 10.07
CA PHE B 76 0.81 -28.53 10.36
C PHE B 76 0.30 -27.91 9.05
N GLU B 77 -0.89 -27.35 9.10
CA GLU B 77 -1.46 -26.72 7.90
C GLU B 77 -1.11 -25.23 7.85
N GLU B 78 -0.25 -24.87 6.91
CA GLU B 78 0.21 -23.50 6.77
C GLU B 78 -0.53 -22.77 5.66
N THR B 79 -0.98 -21.55 5.95
CA THR B 79 -1.54 -20.67 4.92
C THR B 79 -0.45 -19.71 4.46
N THR B 80 -0.01 -19.87 3.22
CA THR B 80 1.11 -19.09 2.70
C THR B 80 0.67 -17.72 2.21
N ALA B 81 1.65 -16.87 1.90
CA ALA B 81 1.40 -15.50 1.47
C ALA B 81 0.62 -15.43 0.15
N ASP B 82 0.78 -16.46 -0.67
CA ASP B 82 0.09 -16.50 -1.97
C ASP B 82 -1.29 -17.15 -1.86
N GLY B 83 -1.63 -17.64 -0.67
CA GLY B 83 -2.95 -18.18 -0.43
C GLY B 83 -3.05 -19.69 -0.51
N ARG B 84 -1.91 -20.36 -0.52
CA ARG B 84 -1.89 -21.83 -0.57
C ARG B 84 -2.15 -22.43 0.81
N LYS B 85 -2.94 -23.49 0.84
CA LYS B 85 -3.10 -24.29 2.04
C LYS B 85 -2.21 -25.52 1.90
N THR B 86 -1.12 -25.53 2.66
CA THR B 86 -0.12 -26.59 2.53
C THR B 86 0.05 -27.39 3.82
N GLN B 87 0.46 -28.65 3.66
CA GLN B 87 0.88 -29.45 4.80
C GLN B 87 2.38 -29.29 4.97
N THR B 88 2.77 -28.58 6.03
CA THR B 88 4.17 -28.20 6.22
C THR B 88 4.80 -28.90 7.42
N VAL B 89 6.05 -29.32 7.27
CA VAL B 89 6.85 -29.75 8.41
C VAL B 89 8.18 -29.02 8.40
N CYS B 90 8.61 -28.54 9.56
CA CYS B 90 9.88 -27.85 9.68
C CYS B 90 10.84 -28.63 10.55
N ASN B 91 12.10 -28.71 10.12
CA ASN B 91 13.14 -29.37 10.90
C ASN B 91 14.43 -28.56 10.87
N PHE B 92 15.22 -28.66 11.93
CA PHE B 92 16.56 -28.14 11.89
C PHE B 92 17.52 -29.30 11.66
N THR B 93 17.90 -29.49 10.41
CA THR B 93 18.70 -30.65 10.01
C THR B 93 20.06 -30.23 9.46
N ASP B 94 21.11 -30.82 10.01
CA ASP B 94 22.48 -30.61 9.53
C ASP B 94 22.88 -29.14 9.47
N GLY B 95 22.44 -28.37 10.46
CA GLY B 95 22.82 -26.98 10.59
C GLY B 95 22.01 -26.01 9.76
N ALA B 96 20.84 -26.45 9.29
CA ALA B 96 19.99 -25.61 8.46
C ALA B 96 18.51 -25.82 8.76
N LEU B 97 17.75 -24.72 8.75
CA LEU B 97 16.31 -24.79 8.94
C LEU B 97 15.66 -25.21 7.61
N VAL B 98 14.96 -26.33 7.64
CA VAL B 98 14.35 -26.87 6.42
C VAL B 98 12.83 -26.89 6.51
N GLN B 99 12.19 -26.13 5.62
CA GLN B 99 10.73 -26.05 5.58
C GLN B 99 10.19 -26.78 4.35
N HIS B 100 9.50 -27.89 4.59
CA HIS B 100 8.95 -28.68 3.50
C HIS B 100 7.44 -28.50 3.40
N GLN B 101 6.97 -28.09 2.22
CA GLN B 101 5.56 -27.86 1.99
C GLN B 101 4.98 -28.90 1.03
N GLU B 102 3.76 -29.33 1.29
CA GLU B 102 3.05 -30.25 0.40
C GLU B 102 1.60 -29.80 0.23
N TRP B 103 1.16 -29.72 -1.02
CA TRP B 103 -0.22 -29.32 -1.31
C TRP B 103 -0.62 -29.77 -2.72
N ASP B 104 -1.77 -30.41 -2.82
CA ASP B 104 -2.34 -30.83 -4.10
C ASP B 104 -1.35 -31.56 -5.00
N GLY B 105 -0.63 -32.53 -4.43
CA GLY B 105 0.32 -33.32 -5.19
C GLY B 105 1.68 -32.66 -5.36
N LYS B 106 1.69 -31.33 -5.36
CA LYS B 106 2.93 -30.58 -5.52
C LYS B 106 3.67 -30.46 -4.19
N GLU B 107 4.94 -30.10 -4.25
CA GLU B 107 5.73 -29.90 -3.04
C GLU B 107 6.89 -28.94 -3.26
N SER B 108 7.36 -28.33 -2.17
CA SER B 108 8.45 -27.36 -2.25
C SER B 108 9.24 -27.35 -0.95
N THR B 109 10.51 -26.96 -1.03
CA THR B 109 11.37 -26.92 0.14
C THR B 109 12.08 -25.59 0.27
N ILE B 110 11.90 -24.92 1.41
CA ILE B 110 12.61 -23.69 1.71
C ILE B 110 13.67 -23.97 2.77
N THR B 111 14.93 -23.74 2.41
CA THR B 111 16.03 -23.99 3.32
C THR B 111 16.70 -22.69 3.74
N ARG B 112 16.76 -22.46 5.05
CA ARG B 112 17.36 -21.27 5.61
C ARG B 112 18.59 -21.63 6.43
N LYS B 113 19.72 -21.01 6.10
CA LYS B 113 20.95 -21.26 6.85
C LYS B 113 21.79 -19.99 6.99
N LEU B 114 22.89 -20.12 7.72
CA LEU B 114 23.76 -18.97 7.98
C LEU B 114 25.07 -19.12 7.21
N LYS B 115 25.49 -18.05 6.55
CA LYS B 115 26.74 -18.04 5.80
C LYS B 115 27.32 -16.63 5.80
N ASP B 116 28.43 -16.46 6.50
CA ASP B 116 29.10 -15.17 6.63
C ASP B 116 28.20 -14.09 7.23
N GLY B 117 27.57 -14.44 8.35
CA GLY B 117 26.75 -13.48 9.09
C GLY B 117 25.44 -13.12 8.43
N LYS B 118 25.11 -13.79 7.33
CA LYS B 118 23.90 -13.48 6.59
C LYS B 118 22.96 -14.67 6.45
N LEU B 119 21.66 -14.39 6.40
CA LEU B 119 20.65 -15.43 6.25
C LEU B 119 20.46 -15.78 4.79
N VAL B 120 20.91 -16.98 4.41
CA VAL B 120 20.75 -17.45 3.04
C VAL B 120 19.50 -18.30 2.92
N VAL B 121 18.53 -17.82 2.16
CA VAL B 121 17.28 -18.55 1.94
C VAL B 121 17.25 -19.16 0.55
N GLU B 122 17.17 -20.49 0.50
CA GLU B 122 17.10 -21.21 -0.78
C GLU B 122 15.74 -21.83 -0.96
N CYS B 123 15.00 -21.37 -1.96
CA CYS B 123 13.67 -21.89 -2.26
C CYS B 123 13.74 -22.83 -3.45
N VAL B 124 13.20 -24.02 -3.30
CA VAL B 124 13.28 -25.04 -4.34
C VAL B 124 11.95 -25.71 -4.63
N MET B 125 11.52 -25.65 -5.89
CA MET B 125 10.39 -26.44 -6.36
C MET B 125 10.72 -27.09 -7.69
N ASN B 126 10.63 -28.42 -7.73
CA ASN B 126 11.02 -29.20 -8.90
C ASN B 126 12.47 -28.94 -9.32
N ASN B 127 12.63 -28.15 -10.39
CA ASN B 127 13.96 -27.82 -10.89
C ASN B 127 14.30 -26.35 -10.72
N VAL B 128 13.34 -25.57 -10.23
CA VAL B 128 13.57 -24.15 -9.98
C VAL B 128 14.25 -23.93 -8.64
N THR B 129 15.31 -23.13 -8.64
CA THR B 129 15.99 -22.77 -7.40
C THR B 129 16.10 -21.26 -7.26
N CYS B 130 15.48 -20.72 -6.22
CA CYS B 130 15.58 -19.30 -5.91
C CYS B 130 16.53 -19.11 -4.74
N THR B 131 17.27 -18.01 -4.75
CA THR B 131 18.21 -17.72 -3.68
C THR B 131 18.09 -16.28 -3.20
N ARG B 132 17.55 -16.11 -1.99
CA ARG B 132 17.38 -14.79 -1.40
C ARG B 132 18.29 -14.63 -0.19
N ILE B 133 18.81 -13.42 0.00
CA ILE B 133 19.75 -13.17 1.09
C ILE B 133 19.28 -12.04 1.99
N TYR B 134 19.33 -12.27 3.30
CA TYR B 134 18.87 -11.29 4.27
C TYR B 134 20.02 -10.81 5.15
N GLU B 135 19.88 -9.58 5.67
CA GLU B 135 20.85 -9.04 6.61
C GLU B 135 20.22 -8.85 7.98
N LYS B 136 21.03 -9.04 9.03
CA LYS B 136 20.57 -8.84 10.39
C LYS B 136 20.24 -7.37 10.61
N VAL B 137 19.10 -7.09 11.23
CA VAL B 137 18.68 -5.71 11.48
C VAL B 137 19.20 -5.22 12.84
N ALA C 3 -8.12 -13.55 39.54
CA ALA C 3 -6.80 -13.21 40.06
C ALA C 3 -6.30 -11.89 39.48
N MET C 4 -4.98 -11.72 39.46
CA MET C 4 -4.37 -10.48 38.98
C MET C 4 -2.95 -10.71 38.50
N ALA C 5 -2.65 -10.21 37.29
CA ALA C 5 -1.36 -10.46 36.65
C ALA C 5 -0.22 -9.69 37.28
N THR C 6 1.01 -10.07 36.92
CA THR C 6 2.20 -9.32 37.27
C THR C 6 2.93 -8.96 35.98
N VAL C 7 3.86 -8.01 36.07
CA VAL C 7 4.50 -7.47 34.88
C VAL C 7 5.32 -8.50 34.11
N GLN C 8 5.70 -9.59 34.77
CA GLN C 8 6.47 -10.65 34.12
C GLN C 8 5.61 -11.40 33.11
N GLN C 9 4.31 -11.43 33.37
CA GLN C 9 3.37 -12.14 32.50
C GLN C 9 3.02 -11.32 31.26
N LEU C 10 3.51 -10.09 31.19
CA LEU C 10 3.35 -9.26 30.01
C LEU C 10 4.63 -9.21 29.20
N GLU C 11 5.73 -9.66 29.79
CA GLU C 11 7.03 -9.64 29.14
C GLU C 11 7.09 -10.61 27.95
N GLY C 12 7.93 -10.27 26.99
CA GLY C 12 8.11 -11.11 25.81
C GLY C 12 7.67 -10.44 24.52
N ARG C 13 7.78 -11.19 23.44
CA ARG C 13 7.43 -10.69 22.11
C ARG C 13 5.98 -11.02 21.76
N TRP C 14 5.22 -10.00 21.41
CA TRP C 14 3.82 -10.18 21.03
C TRP C 14 3.61 -9.83 19.56
N ARG C 15 2.58 -10.40 18.95
CA ARG C 15 2.32 -10.20 17.53
C ARG C 15 0.84 -9.96 17.26
N LEU C 16 0.54 -8.85 16.58
CA LEU C 16 -0.83 -8.43 16.32
C LEU C 16 -1.63 -9.49 15.55
N VAL C 17 -2.88 -9.69 15.96
CA VAL C 17 -3.75 -10.66 15.30
C VAL C 17 -5.16 -10.09 15.05
N ASP C 18 -5.46 -8.95 15.66
CA ASP C 18 -6.75 -8.29 15.46
C ASP C 18 -6.68 -6.81 15.84
N SER C 19 -7.51 -6.01 15.18
CA SER C 19 -7.54 -4.57 15.44
C SER C 19 -8.92 -3.99 15.14
N LYS C 20 -9.42 -3.15 16.04
CA LYS C 20 -10.71 -2.49 15.84
C LYS C 20 -10.64 -1.01 16.22
N GLY C 21 -11.06 -0.15 15.30
CA GLY C 21 -11.13 1.27 15.54
C GLY C 21 -9.78 1.98 15.58
N PHE C 22 -8.78 1.37 14.96
CA PHE C 22 -7.43 1.93 14.97
C PHE C 22 -7.31 3.16 14.09
N ASP C 23 -8.07 3.20 13.00
CA ASP C 23 -8.03 4.33 12.09
C ASP C 23 -8.70 5.56 12.71
N GLU C 24 -9.81 5.33 13.41
CA GLU C 24 -10.54 6.39 14.09
C GLU C 24 -9.68 6.99 15.19
N TYR C 25 -8.94 6.13 15.89
CA TYR C 25 -8.05 6.57 16.95
C TYR C 25 -6.91 7.40 16.39
N MET C 26 -6.40 6.98 15.22
CA MET C 26 -5.32 7.71 14.57
C MET C 26 -5.81 9.06 14.03
N LYS C 27 -7.08 9.14 13.68
CA LYS C 27 -7.69 10.41 13.27
C LYS C 27 -7.63 11.40 14.43
N GLU C 28 -8.08 10.96 15.60
CA GLU C 28 -8.09 11.80 16.80
C GLU C 28 -6.69 12.27 17.17
N LEU C 29 -5.69 11.41 16.92
CA LEU C 29 -4.31 11.78 17.16
C LEU C 29 -3.83 12.83 16.16
N GLY C 30 -4.55 12.94 15.04
CA GLY C 30 -4.21 13.90 14.01
C GLY C 30 -3.21 13.35 13.01
N VAL C 31 -3.30 12.05 12.76
CA VAL C 31 -2.38 11.38 11.84
C VAL C 31 -2.84 11.53 10.40
N GLY C 32 -1.90 11.82 9.51
CA GLY C 32 -2.19 11.98 8.09
C GLY C 32 -2.79 10.73 7.47
N ILE C 33 -3.44 10.90 6.32
CA ILE C 33 -4.13 9.79 5.66
C ILE C 33 -3.17 8.67 5.23
N ALA C 34 -1.97 9.04 4.81
CA ALA C 34 -1.00 8.07 4.32
C ALA C 34 -0.51 7.16 5.45
N LEU C 35 -0.06 7.77 6.55
CA LEU C 35 0.43 7.01 7.69
C LEU C 35 -0.68 6.16 8.30
N ARG C 36 -1.91 6.63 8.15
CA ARG C 36 -3.09 5.90 8.66
C ARG C 36 -3.37 4.63 7.87
N LYS C 37 -3.15 4.70 6.55
CA LYS C 37 -3.34 3.52 5.71
C LYS C 37 -2.20 2.53 5.91
N MET C 38 -0.97 3.04 5.88
CA MET C 38 0.21 2.21 6.10
C MET C 38 0.22 1.64 7.52
N GLY C 39 -0.17 2.47 8.48
CA GLY C 39 -0.18 2.06 9.88
C GLY C 39 -1.19 0.97 10.17
N ALA C 40 -2.36 1.05 9.54
CA ALA C 40 -3.40 0.06 9.73
C ALA C 40 -3.07 -1.26 9.02
N MET C 41 -2.30 -1.16 7.95
CA MET C 41 -1.90 -2.35 7.18
C MET C 41 -0.76 -3.10 7.86
N ALA C 42 -0.08 -2.44 8.78
CA ALA C 42 1.04 -3.05 9.48
C ALA C 42 0.57 -4.11 10.47
N LYS C 43 1.34 -5.20 10.57
CA LYS C 43 1.12 -6.22 11.59
C LYS C 43 2.35 -6.24 12.47
N PRO C 44 2.41 -5.36 13.48
CA PRO C 44 3.62 -5.14 14.25
C PRO C 44 3.91 -6.20 15.30
N ASP C 45 5.18 -6.33 15.64
CA ASP C 45 5.59 -7.08 16.82
C ASP C 45 5.73 -6.09 17.97
N CYS C 46 5.39 -6.53 19.17
CA CYS C 46 5.54 -5.68 20.35
C CYS C 46 6.37 -6.42 21.40
N ILE C 47 7.51 -5.85 21.76
CA ILE C 47 8.41 -6.49 22.71
C ILE C 47 8.41 -5.74 24.04
N ILE C 48 7.91 -6.40 25.09
CA ILE C 48 7.82 -5.78 26.41
C ILE C 48 8.87 -6.36 27.35
N THR C 49 9.69 -5.48 27.92
CA THR C 49 10.72 -5.88 28.87
C THR C 49 10.61 -5.04 30.15
N CYS C 50 10.56 -5.72 31.29
CA CYS C 50 10.41 -5.02 32.57
C CYS C 50 11.05 -5.78 33.73
N ASP C 51 11.80 -5.07 34.56
CA ASP C 51 12.46 -5.67 35.72
C ASP C 51 11.78 -5.23 37.01
N GLY C 52 10.52 -4.79 36.90
CA GLY C 52 9.77 -4.35 38.06
C GLY C 52 9.77 -2.84 38.22
N LYS C 53 10.88 -2.21 37.83
CA LYS C 53 11.00 -0.76 37.89
C LYS C 53 11.18 -0.17 36.51
N ASN C 54 12.15 -0.70 35.77
CA ASN C 54 12.45 -0.23 34.42
C ASN C 54 11.61 -0.93 33.37
N LEU C 55 10.94 -0.13 32.53
CA LEU C 55 10.08 -0.68 31.49
C LEU C 55 10.56 -0.28 30.10
N THR C 56 10.68 -1.27 29.22
CA THR C 56 11.01 -1.01 27.83
C THR C 56 9.96 -1.62 26.91
N ILE C 57 9.37 -0.79 26.05
CA ILE C 57 8.43 -1.28 25.05
C ILE C 57 8.90 -0.92 23.65
N LYS C 58 9.21 -1.95 22.86
CA LYS C 58 9.67 -1.75 21.50
C LYS C 58 8.62 -2.26 20.51
N THR C 59 8.25 -1.42 19.57
CA THR C 59 7.28 -1.80 18.55
C THR C 59 7.95 -1.93 17.19
N GLU C 60 7.90 -3.14 16.63
CA GLU C 60 8.57 -3.43 15.36
C GLU C 60 7.60 -3.58 14.19
N SER C 61 7.88 -2.87 13.12
CA SER C 61 7.19 -3.07 11.84
C SER C 61 8.15 -2.69 10.73
N THR C 62 7.89 -3.16 9.52
CA THR C 62 8.74 -2.80 8.38
C THR C 62 8.66 -1.31 8.11
N LEU C 63 7.48 -0.75 8.34
CA LEU C 63 7.25 0.67 8.11
C LEU C 63 7.99 1.56 9.10
N LYS C 64 7.87 1.21 10.38
CA LYS C 64 8.39 2.09 11.44
C LYS C 64 8.66 1.31 12.72
N THR C 65 9.75 1.66 13.40
CA THR C 65 10.10 1.03 14.66
C THR C 65 10.32 2.07 15.76
N THR C 66 9.49 2.00 16.80
CA THR C 66 9.61 2.91 17.93
C THR C 66 10.03 2.15 19.18
N GLN C 67 10.52 2.88 20.17
CA GLN C 67 10.98 2.28 21.41
C GLN C 67 11.14 3.32 22.50
N PHE C 68 10.64 3.03 23.68
CA PHE C 68 10.87 3.90 24.84
C PHE C 68 11.28 3.09 26.07
N SER C 69 12.14 3.70 26.89
CA SER C 69 12.54 3.10 28.15
C SER C 69 12.26 4.07 29.29
N CYS C 70 11.64 3.58 30.34
CA CYS C 70 11.25 4.44 31.45
C CYS C 70 11.24 3.69 32.77
N THR C 71 11.16 4.45 33.86
CA THR C 71 10.95 3.88 35.18
C THR C 71 9.48 4.11 35.53
N LEU C 72 8.85 3.09 36.10
CA LEU C 72 7.43 3.19 36.46
C LEU C 72 7.18 4.30 37.47
N GLY C 73 6.19 5.15 37.15
CA GLY C 73 5.82 6.22 38.04
C GLY C 73 6.48 7.56 37.71
N GLU C 74 7.53 7.50 36.89
CA GLU C 74 8.30 8.71 36.57
C GLU C 74 8.04 9.22 35.15
N LYS C 75 7.73 10.51 35.05
CA LYS C 75 7.50 11.16 33.77
C LYS C 75 8.73 11.08 32.87
N PHE C 76 8.51 11.06 31.56
CA PHE C 76 9.60 11.06 30.59
C PHE C 76 9.08 11.56 29.25
N GLU C 77 9.98 12.11 28.43
CA GLU C 77 9.61 12.56 27.10
C GLU C 77 9.56 11.38 26.15
N GLU C 78 8.46 11.25 25.41
CA GLU C 78 8.31 10.13 24.49
C GLU C 78 8.08 10.62 23.06
N THR C 79 8.78 10.00 22.12
CA THR C 79 8.53 10.24 20.71
C THR C 79 7.66 9.11 20.17
N THR C 80 6.44 9.43 19.79
CA THR C 80 5.51 8.43 19.27
C THR C 80 5.83 8.10 17.82
N ALA C 81 5.11 7.12 17.27
CA ALA C 81 5.30 6.71 15.88
C ALA C 81 4.88 7.82 14.92
N ASP C 82 3.85 8.56 15.28
CA ASP C 82 3.33 9.61 14.43
C ASP C 82 4.04 10.95 14.60
N GLY C 83 5.10 10.95 15.41
CA GLY C 83 5.94 12.12 15.55
C GLY C 83 5.62 13.06 16.69
N ARG C 84 4.67 12.67 17.54
CA ARG C 84 4.33 13.48 18.70
C ARG C 84 5.42 13.40 19.77
N LYS C 85 5.72 14.55 20.38
CA LYS C 85 6.59 14.59 21.55
C LYS C 85 5.72 14.77 22.77
N THR C 86 5.55 13.70 23.54
CA THR C 86 4.62 13.72 24.67
C THR C 86 5.33 13.61 26.02
N GLN C 87 4.63 14.04 27.06
CA GLN C 87 5.02 13.76 28.43
C GLN C 87 4.27 12.51 28.84
N THR C 88 5.00 11.44 29.14
CA THR C 88 4.39 10.13 29.38
C THR C 88 4.72 9.56 30.75
N VAL C 89 3.74 8.94 31.39
CA VAL C 89 3.98 8.15 32.60
C VAL C 89 3.48 6.73 32.39
N CYS C 90 4.30 5.75 32.75
CA CYS C 90 3.87 4.35 32.70
C CYS C 90 3.72 3.79 34.11
N ASN C 91 2.63 3.08 34.35
CA ASN C 91 2.38 2.42 35.62
C ASN C 91 1.81 1.03 35.43
N PHE C 92 2.13 0.13 36.34
CA PHE C 92 1.48 -1.17 36.36
C PHE C 92 0.41 -1.17 37.44
N THR C 93 -0.84 -1.05 37.02
CA THR C 93 -1.95 -0.84 37.94
C THR C 93 -3.06 -1.86 37.74
N ASP C 94 -3.36 -2.61 38.80
CA ASP C 94 -4.45 -3.58 38.80
C ASP C 94 -4.33 -4.62 37.69
N GLY C 95 -3.11 -5.08 37.44
CA GLY C 95 -2.86 -6.13 36.47
C GLY C 95 -2.71 -5.66 35.04
N ALA C 96 -2.57 -4.35 34.85
CA ALA C 96 -2.43 -3.80 33.51
C ALA C 96 -1.37 -2.70 33.45
N LEU C 97 -0.66 -2.64 32.32
CA LEU C 97 0.27 -1.55 32.08
C LEU C 97 -0.49 -0.33 31.55
N VAL C 98 -0.45 0.75 32.32
CA VAL C 98 -1.15 1.97 31.93
C VAL C 98 -0.16 3.03 31.46
N GLN C 99 -0.35 3.49 30.23
CA GLN C 99 0.53 4.49 29.64
C GLN C 99 -0.26 5.77 29.37
N HIS C 100 0.06 6.83 30.11
CA HIS C 100 -0.64 8.09 29.96
C HIS C 100 0.19 9.08 29.16
N GLN C 101 -0.33 9.53 28.02
CA GLN C 101 0.37 10.48 27.17
C GLN C 101 -0.23 11.88 27.26
N GLU C 102 0.62 12.88 27.40
CA GLU C 102 0.18 14.27 27.42
C GLU C 102 1.01 15.12 26.46
N TRP C 103 0.31 15.85 25.59
CA TRP C 103 0.95 16.75 24.65
C TRP C 103 -0.09 17.81 24.28
N ASP C 104 0.31 19.09 24.30
CA ASP C 104 -0.63 20.18 24.05
C ASP C 104 -1.69 20.08 25.18
N GLY C 105 -2.92 20.53 24.94
CA GLY C 105 -4.01 20.32 25.86
C GLY C 105 -4.73 19.03 25.50
N LYS C 106 -3.95 17.98 25.23
CA LYS C 106 -4.49 16.70 24.82
C LYS C 106 -3.90 15.56 25.63
N GLU C 107 -4.69 14.50 25.80
CA GLU C 107 -4.22 13.32 26.52
C GLU C 107 -4.74 12.04 25.86
N SER C 108 -3.94 10.99 25.97
CA SER C 108 -4.35 9.68 25.49
C SER C 108 -3.83 8.62 26.46
N THR C 109 -4.62 7.58 26.67
CA THR C 109 -4.21 6.50 27.55
C THR C 109 -4.16 5.18 26.79
N ILE C 110 -3.06 4.47 26.96
CA ILE C 110 -2.92 3.15 26.36
C ILE C 110 -2.81 2.10 27.46
N THR C 111 -3.78 1.19 27.50
CA THR C 111 -3.82 0.15 28.51
C THR C 111 -3.53 -1.22 27.92
N ARG C 112 -2.50 -1.88 28.45
CA ARG C 112 -2.12 -3.21 28.00
C ARG C 112 -2.35 -4.23 29.12
N LYS C 113 -3.18 -5.22 28.87
CA LYS C 113 -3.49 -6.23 29.88
C LYS C 113 -3.62 -7.63 29.29
N LEU C 114 -3.64 -8.64 30.16
CA LEU C 114 -3.80 -10.02 29.73
C LEU C 114 -5.26 -10.47 29.80
N LYS C 115 -5.73 -11.07 28.71
CA LYS C 115 -7.06 -11.68 28.67
C LYS C 115 -6.97 -13.00 27.93
N ASP C 116 -7.07 -14.10 28.67
CA ASP C 116 -7.00 -15.45 28.12
C ASP C 116 -5.71 -15.67 27.32
N GLY C 117 -4.58 -15.40 27.95
CA GLY C 117 -3.29 -15.62 27.33
C GLY C 117 -2.91 -14.61 26.27
N LYS C 118 -3.77 -13.62 26.06
CA LYS C 118 -3.54 -12.61 25.02
C LYS C 118 -3.30 -11.23 25.58
N LEU C 119 -2.49 -10.45 24.87
CA LEU C 119 -2.23 -9.06 25.23
C LEU C 119 -3.28 -8.17 24.58
N VAL C 120 -4.18 -7.63 25.40
CA VAL C 120 -5.21 -6.74 24.90
C VAL C 120 -4.77 -5.29 25.08
N VAL C 121 -4.66 -4.57 23.97
CA VAL C 121 -4.18 -3.19 24.00
C VAL C 121 -5.28 -2.20 23.66
N GLU C 122 -5.66 -1.38 24.62
CA GLU C 122 -6.68 -0.37 24.41
C GLU C 122 -6.12 1.05 24.41
N CYS C 123 -6.36 1.77 23.32
CA CYS C 123 -5.92 3.14 23.20
C CYS C 123 -7.15 4.03 23.21
N VAL C 124 -7.16 5.02 24.11
CA VAL C 124 -8.31 5.90 24.23
C VAL C 124 -7.91 7.37 24.09
N MET C 125 -8.64 8.10 23.26
CA MET C 125 -8.51 9.54 23.18
C MET C 125 -9.89 10.15 23.00
N ASN C 126 -10.31 10.95 23.97
CA ASN C 126 -11.65 11.52 24.01
C ASN C 126 -12.72 10.43 23.96
N ASN C 127 -13.65 10.55 23.03
CA ASN C 127 -14.73 9.56 22.91
C ASN C 127 -14.36 8.35 22.06
N VAL C 128 -13.10 8.29 21.62
CA VAL C 128 -12.68 7.25 20.70
C VAL C 128 -11.83 6.16 21.36
N THR C 129 -12.28 4.92 21.23
CA THR C 129 -11.58 3.78 21.81
C THR C 129 -11.10 2.81 20.73
N CYS C 130 -9.83 2.41 20.82
CA CYS C 130 -9.26 1.45 19.89
C CYS C 130 -8.87 0.18 20.64
N THR C 131 -9.15 -0.97 20.05
CA THR C 131 -8.82 -2.25 20.66
C THR C 131 -8.00 -3.14 19.74
N ARG C 132 -6.79 -3.48 20.18
CA ARG C 132 -5.89 -4.33 19.41
C ARG C 132 -5.45 -5.54 20.22
N ILE C 133 -5.46 -6.70 19.58
CA ILE C 133 -5.11 -7.95 20.26
C ILE C 133 -3.80 -8.51 19.72
N TYR C 134 -2.92 -8.93 20.63
CA TYR C 134 -1.65 -9.53 20.25
C TYR C 134 -1.57 -10.96 20.75
N GLU C 135 -0.88 -11.81 20.01
CA GLU C 135 -0.61 -13.17 20.46
C GLU C 135 0.84 -13.30 20.91
N LYS C 136 1.10 -14.28 21.77
CA LYS C 136 2.44 -14.51 22.27
C LYS C 136 3.24 -15.36 21.29
N VAL C 137 4.48 -14.95 21.01
CA VAL C 137 5.35 -15.74 20.14
C VAL C 137 6.55 -16.32 20.89
N GLU C 138 7.16 -15.51 21.76
CA GLU C 138 8.29 -15.99 22.57
C GLU C 138 8.36 -15.26 23.91
N ASN D 2 10.96 22.44 -33.20
CA ASN D 2 11.93 23.53 -33.22
C ASN D 2 11.44 24.75 -32.45
N ALA D 3 10.32 25.31 -32.91
CA ALA D 3 9.74 26.50 -32.28
C ALA D 3 9.24 26.20 -30.88
N MET D 4 9.11 27.24 -30.06
CA MET D 4 8.67 27.08 -28.68
C MET D 4 7.19 26.78 -28.60
N ALA D 5 6.82 25.99 -27.59
CA ALA D 5 5.44 25.64 -27.35
C ALA D 5 4.62 26.86 -26.93
N THR D 6 3.31 26.76 -27.07
CA THR D 6 2.41 27.74 -26.50
C THR D 6 1.59 27.04 -25.42
N VAL D 7 0.99 27.81 -24.52
CA VAL D 7 0.37 27.23 -23.33
C VAL D 7 -0.84 26.33 -23.64
N GLN D 8 -1.41 26.46 -24.83
CA GLN D 8 -2.53 25.61 -25.26
C GLN D 8 -2.06 24.17 -25.32
N GLN D 9 -0.83 23.98 -25.79
CA GLN D 9 -0.28 22.66 -26.03
C GLN D 9 -0.02 21.89 -24.74
N LEU D 10 -0.19 22.56 -23.60
CA LEU D 10 -0.05 21.92 -22.30
C LEU D 10 -1.42 21.63 -21.68
N GLU D 11 -2.46 22.24 -22.24
CA GLU D 11 -3.82 22.07 -21.73
C GLU D 11 -4.33 20.64 -21.94
N GLY D 12 -5.20 20.20 -21.04
CA GLY D 12 -5.79 18.89 -21.14
C GLY D 12 -5.52 17.99 -19.94
N ARG D 13 -5.98 16.75 -20.03
CA ARG D 13 -5.79 15.78 -18.97
C ARG D 13 -4.58 14.89 -19.27
N TRP D 14 -3.63 14.87 -18.35
CA TRP D 14 -2.44 14.06 -18.50
C TRP D 14 -2.41 12.95 -17.46
N ARG D 15 -1.69 11.86 -17.77
CA ARG D 15 -1.64 10.71 -16.87
C ARG D 15 -0.22 10.18 -16.75
N LEU D 16 0.23 10.00 -15.51
CA LEU D 16 1.59 9.57 -15.23
C LEU D 16 1.93 8.23 -15.87
N VAL D 17 3.12 8.14 -16.47
CA VAL D 17 3.58 6.90 -17.08
C VAL D 17 5.00 6.54 -16.66
N ASP D 18 5.71 7.50 -16.06
CA ASP D 18 7.08 7.27 -15.63
C ASP D 18 7.53 8.27 -14.57
N SER D 19 8.28 7.79 -13.58
CA SER D 19 8.79 8.64 -12.53
C SER D 19 10.22 8.26 -12.16
N LYS D 20 11.07 9.28 -11.99
CA LYS D 20 12.46 9.04 -11.61
C LYS D 20 12.95 10.05 -10.59
N GLY D 21 13.29 9.56 -9.39
CA GLY D 21 13.83 10.42 -8.34
C GLY D 21 12.77 11.12 -7.51
N PHE D 22 11.55 10.60 -7.55
CA PHE D 22 10.44 11.24 -6.84
C PHE D 22 10.57 11.08 -5.32
N ASP D 23 11.09 9.94 -4.89
CA ASP D 23 11.28 9.67 -3.47
C ASP D 23 12.36 10.59 -2.88
N GLU D 24 13.47 10.72 -3.60
CA GLU D 24 14.56 11.60 -3.18
C GLU D 24 14.09 13.04 -3.10
N TYR D 25 13.26 13.45 -4.07
CA TYR D 25 12.71 14.80 -4.08
C TYR D 25 11.78 15.03 -2.90
N MET D 26 10.96 14.02 -2.59
CA MET D 26 10.04 14.13 -1.46
C MET D 26 10.78 14.17 -0.13
N LYS D 27 11.92 13.48 -0.06
CA LYS D 27 12.75 13.53 1.14
C LYS D 27 13.24 14.95 1.38
N GLU D 28 13.70 15.60 0.31
CA GLU D 28 14.22 16.96 0.39
C GLU D 28 13.12 17.93 0.84
N LEU D 29 11.89 17.64 0.45
CA LEU D 29 10.74 18.44 0.88
C LEU D 29 10.43 18.21 2.36
N GLY D 30 10.86 17.06 2.88
CA GLY D 30 10.63 16.72 4.26
C GLY D 30 9.39 15.86 4.46
N VAL D 31 9.01 15.13 3.41
CA VAL D 31 7.82 14.29 3.44
C VAL D 31 8.07 13.01 4.23
N GLY D 32 7.13 12.65 5.10
CA GLY D 32 7.24 11.46 5.92
C GLY D 32 7.26 10.18 5.10
N ILE D 33 7.82 9.12 5.69
CA ILE D 33 8.01 7.84 5.01
C ILE D 33 6.72 7.27 4.40
N ALA D 34 5.61 7.42 5.10
CA ALA D 34 4.35 6.86 4.66
C ALA D 34 3.81 7.56 3.42
N LEU D 35 3.85 8.89 3.44
CA LEU D 35 3.38 9.66 2.30
C LEU D 35 4.32 9.50 1.10
N ARG D 36 5.61 9.26 1.38
CA ARG D 36 6.58 9.02 0.33
C ARG D 36 6.31 7.71 -0.41
N LYS D 37 5.94 6.68 0.35
CA LYS D 37 5.64 5.38 -0.24
C LYS D 37 4.30 5.40 -0.98
N MET D 38 3.27 5.93 -0.33
CA MET D 38 1.95 6.02 -0.93
C MET D 38 1.94 6.98 -2.11
N GLY D 39 2.72 8.05 -2.00
CA GLY D 39 2.81 9.04 -3.07
C GLY D 39 3.48 8.47 -4.30
N ALA D 40 4.47 7.62 -4.10
CA ALA D 40 5.20 7.01 -5.20
C ALA D 40 4.37 5.94 -5.90
N MET D 41 3.45 5.32 -5.16
CA MET D 41 2.60 4.28 -5.72
C MET D 41 1.43 4.87 -6.50
N ALA D 42 1.16 6.15 -6.28
CA ALA D 42 0.07 6.83 -6.96
C ALA D 42 0.38 7.05 -8.44
N LYS D 43 -0.64 6.88 -9.28
CA LYS D 43 -0.53 7.18 -10.70
C LYS D 43 -1.55 8.25 -11.04
N PRO D 44 -1.21 9.51 -10.74
CA PRO D 44 -2.19 10.60 -10.79
C PRO D 44 -2.50 11.12 -12.19
N ASP D 45 -3.68 11.72 -12.32
CA ASP D 45 -4.01 12.52 -13.49
C ASP D 45 -3.63 13.96 -13.20
N CYS D 46 -3.18 14.66 -14.24
CA CYS D 46 -2.90 16.09 -14.11
C CYS D 46 -3.67 16.87 -15.16
N ILE D 47 -4.54 17.77 -14.69
CA ILE D 47 -5.39 18.52 -15.58
C ILE D 47 -4.99 19.99 -15.63
N ILE D 48 -4.57 20.45 -16.81
CA ILE D 48 -4.08 21.81 -16.97
C ILE D 48 -5.04 22.66 -17.81
N THR D 49 -5.40 23.82 -17.29
CA THR D 49 -6.28 24.75 -17.97
C THR D 49 -5.68 26.16 -17.96
N CYS D 50 -5.59 26.78 -19.14
CA CYS D 50 -5.00 28.11 -19.23
C CYS D 50 -5.53 28.91 -20.42
N ASP D 51 -6.00 30.12 -20.14
CA ASP D 51 -6.49 31.02 -21.18
C ASP D 51 -5.42 32.00 -21.63
N GLY D 52 -4.20 31.81 -21.14
CA GLY D 52 -3.10 32.70 -21.47
C GLY D 52 -2.74 33.61 -20.31
N LYS D 53 -3.66 33.73 -19.35
CA LYS D 53 -3.43 34.54 -18.17
C LYS D 53 -3.80 33.73 -16.92
N ASN D 54 -4.99 33.15 -16.94
CA ASN D 54 -5.49 32.38 -15.81
C ASN D 54 -5.15 30.90 -15.94
N LEU D 55 -4.34 30.40 -15.01
CA LEU D 55 -3.91 29.02 -15.04
C LEU D 55 -4.52 28.21 -13.90
N THR D 56 -5.05 27.04 -14.24
CA THR D 56 -5.52 26.09 -13.23
C THR D 56 -4.87 24.73 -13.47
N ILE D 57 -4.25 24.19 -12.43
CA ILE D 57 -3.68 22.85 -12.49
C ILE D 57 -4.25 21.99 -11.38
N LYS D 58 -4.92 20.91 -11.77
CA LYS D 58 -5.52 19.99 -10.81
C LYS D 58 -4.86 18.62 -10.91
N THR D 59 -4.41 18.10 -9.77
CA THR D 59 -3.77 16.79 -9.73
C THR D 59 -4.67 15.79 -9.00
N GLU D 60 -5.07 14.73 -9.69
CA GLU D 60 -6.02 13.78 -9.15
C GLU D 60 -5.42 12.42 -8.86
N SER D 61 -5.58 11.94 -7.63
CA SER D 61 -5.26 10.58 -7.28
C SER D 61 -6.23 10.11 -6.21
N THR D 62 -6.39 8.80 -6.05
CA THR D 62 -7.27 8.25 -5.03
C THR D 62 -6.80 8.70 -3.65
N LEU D 63 -5.49 8.78 -3.48
CA LEU D 63 -4.88 9.14 -2.21
C LEU D 63 -5.04 10.63 -1.88
N LYS D 64 -4.86 11.49 -2.87
CA LYS D 64 -4.81 12.92 -2.63
C LYS D 64 -5.15 13.72 -3.89
N THR D 65 -5.95 14.77 -3.71
CA THR D 65 -6.27 15.66 -4.82
C THR D 65 -5.92 17.10 -4.47
N THR D 66 -5.16 17.75 -5.33
CA THR D 66 -4.81 19.15 -5.14
C THR D 66 -5.14 19.95 -6.39
N GLN D 67 -5.36 21.24 -6.22
CA GLN D 67 -5.45 22.15 -7.35
C GLN D 67 -5.22 23.60 -6.91
N PHE D 68 -4.63 24.38 -7.81
CA PHE D 68 -4.45 25.80 -7.58
C PHE D 68 -4.85 26.57 -8.82
N SER D 69 -5.40 27.76 -8.62
CA SER D 69 -5.72 28.66 -9.70
C SER D 69 -4.96 29.95 -9.49
N CYS D 70 -4.36 30.47 -10.56
CA CYS D 70 -3.55 31.67 -10.44
C CYS D 70 -3.52 32.46 -11.73
N THR D 71 -3.05 33.69 -11.64
CA THR D 71 -2.76 34.50 -12.82
C THR D 71 -1.24 34.48 -13.01
N LEU D 72 -0.81 34.22 -14.25
CA LEU D 72 0.61 34.17 -14.55
C LEU D 72 1.32 35.46 -14.17
N GLY D 73 2.37 35.33 -13.35
CA GLY D 73 3.14 36.48 -12.94
C GLY D 73 2.81 36.95 -11.53
N GLU D 74 1.59 36.65 -11.08
CA GLU D 74 1.13 37.12 -9.79
C GLU D 74 1.29 36.07 -8.68
N LYS D 75 2.01 36.46 -7.64
CA LYS D 75 2.17 35.60 -6.46
C LYS D 75 0.83 35.24 -5.87
N PHE D 76 0.72 34.00 -5.39
CA PHE D 76 -0.48 33.52 -4.72
C PHE D 76 -0.02 32.52 -3.69
N GLU D 77 -0.97 32.02 -2.90
CA GLU D 77 -0.63 31.04 -1.88
C GLU D 77 -1.11 29.66 -2.28
N GLU D 78 -0.22 28.68 -2.16
CA GLU D 78 -0.52 27.32 -2.60
C GLU D 78 -0.43 26.34 -1.44
N THR D 79 -1.44 25.48 -1.34
CA THR D 79 -1.38 24.36 -0.41
C THR D 79 -0.98 23.11 -1.18
N THR D 80 0.23 22.63 -0.93
CA THR D 80 0.75 21.47 -1.65
C THR D 80 0.12 20.18 -1.16
N ALA D 81 0.49 19.07 -1.78
CA ALA D 81 -0.07 17.77 -1.43
C ALA D 81 0.49 17.27 -0.09
N ASP D 82 1.67 17.75 0.27
CA ASP D 82 2.31 17.34 1.52
C ASP D 82 2.02 18.31 2.66
N GLY D 83 1.08 19.24 2.43
CA GLY D 83 0.61 20.12 3.48
C GLY D 83 1.29 21.48 3.56
N ARG D 84 2.35 21.68 2.77
CA ARG D 84 3.06 22.95 2.75
C ARG D 84 2.17 24.09 2.27
N LYS D 85 2.26 25.22 2.96
CA LYS D 85 1.59 26.44 2.54
C LYS D 85 2.62 27.40 2.00
N THR D 86 2.78 27.43 0.68
CA THR D 86 3.88 28.14 0.05
C THR D 86 3.43 29.42 -0.66
N GLN D 87 4.39 30.29 -0.93
CA GLN D 87 4.17 31.45 -1.77
C GLN D 87 4.66 31.12 -3.17
N THR D 88 3.73 30.95 -4.10
CA THR D 88 4.06 30.47 -5.43
C THR D 88 3.76 31.50 -6.50
N VAL D 89 4.57 31.50 -7.57
CA VAL D 89 4.28 32.29 -8.75
C VAL D 89 4.51 31.44 -10.02
N CYS D 90 3.56 31.49 -10.93
CA CYS D 90 3.66 30.71 -12.16
C CYS D 90 3.90 31.60 -13.37
N ASN D 91 4.80 31.16 -14.24
CA ASN D 91 5.06 31.85 -15.50
C ASN D 91 5.19 30.86 -16.64
N PHE D 92 4.77 31.27 -17.83
CA PHE D 92 5.06 30.50 -19.02
C PHE D 92 6.26 31.13 -19.71
N THR D 93 7.42 30.50 -19.56
CA THR D 93 8.68 31.08 -19.99
C THR D 93 9.46 30.15 -20.92
N ASP D 94 9.83 30.66 -22.09
CA ASP D 94 10.64 29.94 -23.05
C ASP D 94 10.06 28.57 -23.43
N GLY D 95 8.73 28.52 -23.56
CA GLY D 95 8.04 27.31 -23.97
C GLY D 95 7.74 26.35 -22.84
N ALA D 96 7.91 26.82 -21.60
CA ALA D 96 7.74 25.97 -20.43
C ALA D 96 6.94 26.64 -19.33
N LEU D 97 6.15 25.84 -18.62
CA LEU D 97 5.40 26.35 -17.48
C LEU D 97 6.25 26.22 -16.22
N VAL D 98 6.74 27.35 -15.72
CA VAL D 98 7.62 27.35 -14.56
C VAL D 98 6.87 27.72 -13.29
N GLN D 99 6.89 26.81 -12.32
CA GLN D 99 6.24 27.03 -11.03
C GLN D 99 7.29 27.17 -9.93
N HIS D 100 7.35 28.34 -9.31
CA HIS D 100 8.34 28.61 -8.27
C HIS D 100 7.70 28.67 -6.89
N GLN D 101 8.10 27.74 -6.02
CA GLN D 101 7.53 27.68 -4.67
C GLN D 101 8.50 28.19 -3.61
N GLU D 102 7.96 28.96 -2.66
CA GLU D 102 8.76 29.47 -1.55
C GLU D 102 8.03 29.31 -0.22
N TRP D 103 8.74 28.74 0.75
CA TRP D 103 8.21 28.56 2.10
C TRP D 103 9.38 28.43 3.05
N ASP D 104 9.28 29.06 4.22
CA ASP D 104 10.38 29.14 5.16
C ASP D 104 11.63 29.71 4.47
N GLY D 105 12.78 29.10 4.73
CA GLY D 105 14.01 29.51 4.07
C GLY D 105 14.30 28.65 2.85
N LYS D 106 13.27 27.98 2.35
CA LYS D 106 13.43 27.01 1.28
C LYS D 106 12.74 27.43 -0.01
N GLU D 107 13.18 26.84 -1.12
CA GLU D 107 12.56 27.08 -2.41
C GLU D 107 12.58 25.83 -3.28
N SER D 108 11.59 25.70 -4.15
CA SER D 108 11.53 24.58 -5.08
C SER D 108 10.92 25.05 -6.40
N THR D 109 11.41 24.49 -7.51
CA THR D 109 10.91 24.87 -8.82
C THR D 109 10.41 23.67 -9.61
N ILE D 110 9.16 23.75 -10.06
CA ILE D 110 8.58 22.71 -10.91
C ILE D 110 8.40 23.22 -12.33
N THR D 111 9.04 22.55 -13.28
CA THR D 111 8.96 22.95 -14.67
C THR D 111 8.20 21.90 -15.49
N ARG D 112 7.21 22.36 -16.26
CA ARG D 112 6.44 21.47 -17.10
C ARG D 112 6.65 21.79 -18.58
N LYS D 113 7.37 20.92 -19.27
CA LYS D 113 7.67 21.11 -20.68
C LYS D 113 6.98 20.07 -21.55
N LEU D 114 6.88 20.36 -22.85
CA LEU D 114 6.31 19.42 -23.80
C LEU D 114 7.42 18.85 -24.68
N LYS D 115 7.65 17.53 -24.57
CA LYS D 115 8.66 16.87 -25.37
C LYS D 115 8.09 15.61 -26.00
N ASP D 116 8.14 15.54 -27.33
CA ASP D 116 7.69 14.36 -28.08
C ASP D 116 6.24 13.99 -27.78
N GLY D 117 5.39 14.99 -27.63
CA GLY D 117 3.98 14.78 -27.38
C GLY D 117 3.66 14.41 -25.94
N LYS D 118 4.68 14.41 -25.08
CA LYS D 118 4.51 14.06 -23.68
C LYS D 118 4.78 15.25 -22.76
N LEU D 119 4.10 15.27 -21.61
CA LEU D 119 4.32 16.29 -20.61
C LEU D 119 5.45 15.87 -19.68
N VAL D 120 6.54 16.61 -19.69
CA VAL D 120 7.67 16.31 -18.83
C VAL D 120 7.70 17.25 -17.63
N VAL D 121 7.68 16.68 -16.43
CA VAL D 121 7.62 17.47 -15.21
C VAL D 121 8.90 17.32 -14.39
N GLU D 122 9.66 18.41 -14.29
CA GLU D 122 10.91 18.38 -13.55
C GLU D 122 10.83 19.19 -12.25
N CYS D 123 10.94 18.48 -11.13
CA CYS D 123 10.88 19.10 -9.82
C CYS D 123 12.27 19.23 -9.22
N VAL D 124 12.61 20.42 -8.75
CA VAL D 124 13.95 20.67 -8.23
C VAL D 124 13.92 21.35 -6.86
N MET D 125 14.54 20.71 -5.88
CA MET D 125 14.82 21.37 -4.61
C MET D 125 16.29 21.18 -4.25
N ASN D 126 16.98 22.29 -4.00
CA ASN D 126 18.43 22.31 -3.83
C ASN D 126 19.10 21.70 -5.05
N ASN D 127 19.78 20.58 -4.86
CA ASN D 127 20.41 19.88 -5.97
C ASN D 127 19.77 18.52 -6.25
N VAL D 128 18.57 18.33 -5.70
CA VAL D 128 17.82 17.10 -5.92
C VAL D 128 16.82 17.30 -7.05
N THR D 129 16.89 16.45 -8.08
CA THR D 129 16.04 16.60 -9.26
C THR D 129 15.14 15.39 -9.46
N CYS D 130 13.87 15.66 -9.75
CA CYS D 130 12.90 14.62 -10.07
C CYS D 130 12.35 14.84 -11.47
N THR D 131 12.20 13.76 -12.22
CA THR D 131 11.61 13.85 -13.55
C THR D 131 10.44 12.88 -13.71
N ARG D 132 9.26 13.43 -13.94
CA ARG D 132 8.06 12.64 -14.12
C ARG D 132 7.45 12.89 -15.48
N ILE D 133 7.03 11.82 -16.14
CA ILE D 133 6.50 11.91 -17.50
C ILE D 133 5.02 11.53 -17.54
N TYR D 134 4.22 12.38 -18.18
CA TYR D 134 2.80 12.14 -18.33
C TYR D 134 2.46 12.01 -19.81
N GLU D 135 1.47 11.18 -20.13
CA GLU D 135 1.00 11.10 -21.50
C GLU D 135 -0.43 11.65 -21.61
N LYS D 136 -0.81 12.05 -22.81
CA LYS D 136 -2.10 12.68 -23.04
C LYS D 136 -3.22 11.65 -22.95
N VAL D 137 -4.27 11.99 -22.23
CA VAL D 137 -5.48 11.18 -22.20
C VAL D 137 -6.54 11.83 -23.07
N GLU D 138 -6.86 13.08 -22.75
CA GLU D 138 -7.90 13.81 -23.46
C GLU D 138 -7.52 15.28 -23.61
#